data_5LPP
#
_entry.id   5LPP
#
_cell.length_a   85.423
_cell.length_b   64.443
_cell.length_c   71.223
_cell.angle_alpha   90.00
_cell.angle_beta   93.88
_cell.angle_gamma   90.00
#
_symmetry.space_group_name_H-M   'C 1 2 1'
#
loop_
_entity.id
_entity.type
_entity.pdbx_description
1 polymer 'Queuine tRNA-ribosyltransferase'
2 non-polymer 'ZINC ION'
3 non-polymer 4-[2-[(3~{a}~{R},4~{R},6~{R},6~{a}~{R})-4-methoxy-2,2-dimethyl-3~{a},4,6,6~{a}-tetrahydrofuro[3,4-d][1,3]dioxol-6-yl]ethyl]-6-azanyl-2-(methylamino)-1,7-dihydroimidazo[4,5-g]quinazolin-8-one
4 water water
#
_entity_poly.entity_id   1
_entity_poly.type   'polypeptide(L)'
_entity_poly.pdbx_seq_one_letter_code
;MVEATAQETDRPRFSFSIAAREGKARTGTIEMKRGVIRTPAFMPVGTAATVKALKPETVRATGADIILGNTYHLMLRPGA
ERIAKLGGLHSFMGWDRPILTDSGGYQVMSLSSLTKQSEEGVTFKSHLDGSRHMLSPERSIEIQHLLGSDIVMAFDECTP
YPATPSRAASSMERSMRWAKRSRDAFDSRKEQAENAALFGIQQGSVFENLRQQSADALAEIGFDGYAVGGLAVGEGQDEM
FRVLDFSVPMLPDDKPHYLMGVGKPDDIVGAVERGIDMFDCVLPTRSGRNGQAFTWDGPINIRNARFSEDLKPLDSECHC
AVCQKWSRAYIHHLIRAGEILGAMLMTEHNIAFYQQLMQKIRDSISEGRFSQFAQDFRARYFARNS
;
_entity_poly.pdbx_strand_id   A
#
loop_
_chem_comp.id
_chem_comp.type
_chem_comp.name
_chem_comp.formula
72C non-polymer 4-[2-[(3~{a}~{R},4~{R},6~{R},6~{a}~{R})-4-methoxy-2,2-dimethyl-3~{a},4,6,6~{a}-tetrahydrofuro[3,4-d][1,3]dioxol-6-yl]ethyl]-6-azanyl-2-(methylamino)-1,7-dihydroimidazo[4,5-g]quinazolin-8-one 'C20 H26 N6 O5'
ZN non-polymer 'ZINC ION' 'Zn 2'
#
# COMPACT_ATOMS: atom_id res chain seq x y z
N ASP A 10 -22.26 -8.00 -13.34
CA ASP A 10 -21.48 -6.82 -12.99
C ASP A 10 -21.24 -6.74 -11.48
N ARG A 11 -19.97 -6.58 -11.10
CA ARG A 11 -19.61 -6.50 -9.71
C ARG A 11 -20.17 -5.23 -9.08
N PRO A 12 -20.27 -5.18 -7.75
CA PRO A 12 -20.66 -3.94 -7.08
C PRO A 12 -19.56 -2.90 -7.12
N ARG A 13 -19.93 -1.66 -6.76
CA ARG A 13 -18.96 -0.60 -6.55
C ARG A 13 -17.88 -1.03 -5.56
N PHE A 14 -18.28 -1.67 -4.47
CA PHE A 14 -17.36 -2.01 -3.39
C PHE A 14 -18.01 -3.00 -2.43
N SER A 15 -17.42 -4.20 -2.33
CA SER A 15 -17.89 -5.23 -1.41
C SER A 15 -16.68 -5.97 -0.85
N PHE A 16 -16.51 -5.92 0.47
CA PHE A 16 -15.44 -6.63 1.16
C PHE A 16 -16.06 -7.82 1.87
N SER A 17 -15.53 -9.01 1.62
CA SER A 17 -16.00 -10.19 2.32
C SER A 17 -14.81 -10.99 2.83
N ILE A 18 -14.92 -11.42 4.08
CA ILE A 18 -13.85 -12.15 4.76
C ILE A 18 -14.14 -13.63 4.62
N ALA A 19 -13.24 -14.38 3.99
CA ALA A 19 -13.50 -15.80 3.76
C ALA A 19 -12.98 -16.68 4.88
N ALA A 20 -11.93 -16.26 5.57
CA ALA A 20 -11.31 -17.08 6.61
C ALA A 20 -10.52 -16.19 7.55
N ARG A 21 -10.43 -16.61 8.81
CA ARG A 21 -9.71 -15.86 9.83
C ARG A 21 -8.80 -16.80 10.60
N GLU A 22 -7.68 -16.28 11.10
CA GLU A 22 -6.82 -17.01 12.02
C GLU A 22 -6.24 -16.01 13.00
N GLY A 23 -6.67 -16.08 14.26
CA GLY A 23 -6.31 -15.02 15.20
C GLY A 23 -6.86 -13.70 14.70
N LYS A 24 -5.99 -12.68 14.62
CA LYS A 24 -6.41 -11.39 14.07
C LYS A 24 -6.31 -11.34 12.56
N ALA A 25 -5.67 -12.32 11.93
CA ALA A 25 -5.46 -12.29 10.49
C ALA A 25 -6.74 -12.66 9.75
N ARG A 26 -6.95 -12.02 8.60
CA ARG A 26 -8.10 -12.32 7.76
C ARG A 26 -7.64 -12.53 6.32
N THR A 27 -8.45 -13.26 5.57
CA THR A 27 -8.25 -13.35 4.13
C THR A 27 -9.61 -13.29 3.47
N GLY A 28 -9.68 -12.68 2.30
CA GLY A 28 -10.96 -12.47 1.64
C GLY A 28 -10.80 -11.74 0.33
N THR A 29 -11.81 -10.96 -0.07
CA THR A 29 -11.83 -10.30 -1.36
C THR A 29 -12.51 -8.95 -1.28
N ILE A 30 -11.97 -7.97 -2.01
CA ILE A 30 -12.70 -6.75 -2.31
C ILE A 30 -13.21 -6.84 -3.74
N GLU A 31 -14.52 -6.79 -3.93
CA GLU A 31 -15.10 -6.71 -5.26
C GLU A 31 -15.33 -5.25 -5.64
N MET A 32 -14.83 -4.86 -6.80
CA MET A 32 -15.06 -3.54 -7.37
C MET A 32 -15.49 -3.71 -8.82
N LYS A 33 -15.94 -2.62 -9.43
CA LYS A 33 -16.44 -2.73 -10.80
C LYS A 33 -15.35 -3.17 -11.76
N ARG A 34 -14.09 -2.78 -11.51
N ARG A 34 -14.10 -2.79 -11.52
CA ARG A 34 -13.02 -3.13 -12.42
CA ARG A 34 -13.02 -3.13 -12.42
C ARG A 34 -12.36 -4.47 -12.10
C ARG A 34 -12.33 -4.45 -12.09
N GLY A 35 -12.71 -5.12 -11.01
CA GLY A 35 -12.16 -6.43 -10.71
C GLY A 35 -12.18 -6.74 -9.23
N VAL A 36 -11.64 -7.92 -8.91
CA VAL A 36 -11.59 -8.46 -7.56
C VAL A 36 -10.18 -8.31 -7.02
N ILE A 37 -10.05 -7.86 -5.77
CA ILE A 37 -8.76 -7.78 -5.08
C ILE A 37 -8.75 -8.84 -3.98
N ARG A 38 -7.81 -9.78 -4.06
CA ARG A 38 -7.64 -10.78 -3.02
C ARG A 38 -6.82 -10.20 -1.87
N THR A 39 -7.28 -10.41 -0.65
CA THR A 39 -6.59 -9.86 0.52
C THR A 39 -6.13 -10.99 1.46
N PRO A 40 -5.01 -10.78 2.17
CA PRO A 40 -4.16 -9.59 2.15
C PRO A 40 -3.52 -9.34 0.79
N ALA A 41 -3.42 -8.06 0.42
CA ALA A 41 -2.98 -7.68 -0.91
C ALA A 41 -1.74 -6.82 -0.81
N PHE A 42 -0.82 -7.02 -1.75
CA PHE A 42 0.27 -6.08 -1.97
C PHE A 42 -0.03 -5.33 -3.25
N MET A 43 0.09 -4.01 -3.19
CA MET A 43 -0.31 -3.12 -4.27
C MET A 43 0.93 -2.41 -4.81
N PRO A 44 1.48 -2.85 -5.93
CA PRO A 44 2.73 -2.27 -6.41
C PRO A 44 2.48 -0.98 -7.18
N VAL A 45 3.52 -0.15 -7.23
CA VAL A 45 3.47 1.04 -8.08
C VAL A 45 3.29 0.62 -9.53
N GLY A 46 2.34 1.26 -10.21
CA GLY A 46 1.99 0.81 -11.56
C GLY A 46 3.08 1.03 -12.59
N THR A 47 3.97 1.99 -12.36
CA THR A 47 5.03 2.29 -13.31
C THR A 47 6.27 1.42 -13.10
N ALA A 48 6.19 0.41 -12.24
CA ALA A 48 7.36 -0.41 -11.93
C ALA A 48 7.74 -1.33 -13.08
N ALA A 49 6.75 -1.94 -13.73
CA ALA A 49 7.01 -2.95 -14.73
C ALA A 49 5.79 -3.07 -15.63
N THR A 50 5.90 -3.91 -16.65
CA THR A 50 4.77 -4.19 -17.52
C THR A 50 3.71 -4.95 -16.72
N ALA A 64 -0.55 -9.09 -9.30
CA ALA A 64 -1.23 -7.99 -8.59
C ALA A 64 -2.66 -7.82 -9.05
N ASP A 65 -3.56 -7.53 -8.11
CA ASP A 65 -4.96 -7.25 -8.43
C ASP A 65 -5.27 -5.76 -8.50
N ILE A 66 -4.36 -4.92 -8.00
CA ILE A 66 -4.54 -3.47 -7.97
C ILE A 66 -3.16 -2.86 -7.97
N ILE A 67 -3.02 -1.69 -8.62
CA ILE A 67 -1.76 -0.98 -8.64
C ILE A 67 -1.98 0.42 -8.08
N LEU A 68 -0.87 1.05 -7.70
CA LEU A 68 -0.88 2.40 -7.16
C LEU A 68 -0.52 3.43 -8.22
N GLY A 69 -1.25 4.54 -8.22
CA GLY A 69 -0.87 5.70 -8.99
C GLY A 69 -0.23 6.72 -8.07
N ASN A 70 0.76 7.45 -8.62
CA ASN A 70 1.53 8.44 -7.88
C ASN A 70 0.86 9.79 -8.06
N THR A 71 -0.10 10.08 -7.18
CA THR A 71 -0.89 11.31 -7.28
C THR A 71 -0.01 12.54 -7.31
N TYR A 72 0.91 12.66 -6.34
CA TYR A 72 1.73 13.85 -6.25
C TYR A 72 2.52 14.08 -7.53
N HIS A 73 3.13 13.01 -8.06
CA HIS A 73 3.88 13.13 -9.31
C HIS A 73 2.95 13.47 -10.46
N LEU A 74 1.82 12.77 -10.57
CA LEU A 74 0.95 12.94 -11.73
C LEU A 74 0.37 14.34 -11.81
N MET A 75 0.10 14.96 -10.66
CA MET A 75 -0.45 16.31 -10.71
C MET A 75 0.59 17.31 -11.16
N LEU A 76 1.87 17.01 -10.98
CA LEU A 76 2.97 17.85 -11.46
C LEU A 76 3.37 17.54 -12.90
N ARG A 77 3.31 16.27 -13.30
CA ARG A 77 3.57 15.88 -14.69
C ARG A 77 2.80 14.61 -15.07
N PRO A 78 1.98 14.69 -16.13
CA PRO A 78 1.69 15.86 -16.96
C PRO A 78 0.63 16.77 -16.38
N GLY A 79 0.10 16.42 -15.22
CA GLY A 79 -1.02 17.16 -14.70
C GLY A 79 -2.29 16.33 -14.75
N ALA A 80 -3.14 16.51 -13.74
CA ALA A 80 -4.36 15.71 -13.66
C ALA A 80 -5.30 16.01 -14.82
N GLU A 81 -5.40 17.28 -15.23
CA GLU A 81 -6.30 17.58 -16.33
C GLU A 81 -5.80 16.94 -17.62
N ARG A 82 -4.48 16.92 -17.81
CA ARG A 82 -3.93 16.29 -19.00
C ARG A 82 -4.17 14.78 -18.98
N ILE A 83 -3.97 14.15 -17.83
CA ILE A 83 -4.33 12.73 -17.71
C ILE A 83 -5.79 12.52 -18.05
N ALA A 84 -6.66 13.39 -17.54
CA ALA A 84 -8.08 13.24 -17.84
C ALA A 84 -8.32 13.39 -19.35
N LYS A 85 -7.66 14.36 -19.98
CA LYS A 85 -7.84 14.54 -21.43
C LYS A 85 -7.32 13.33 -22.20
N LEU A 86 -6.27 12.69 -21.70
CA LEU A 86 -5.75 11.47 -22.32
C LEU A 86 -6.59 10.24 -22.01
N GLY A 87 -7.68 10.38 -21.26
CA GLY A 87 -8.58 9.27 -21.03
C GLY A 87 -8.54 8.70 -19.63
N GLY A 88 -7.76 9.29 -18.73
CA GLY A 88 -7.63 8.76 -17.39
C GLY A 88 -6.48 7.79 -17.26
N LEU A 89 -6.19 7.44 -16.01
CA LEU A 89 -5.00 6.62 -15.72
C LEU A 89 -5.10 5.21 -16.28
N HIS A 90 -6.31 4.62 -16.28
CA HIS A 90 -6.42 3.25 -16.78
C HIS A 90 -5.98 3.17 -18.24
N SER A 91 -6.57 4.02 -19.09
CA SER A 91 -6.14 4.07 -20.49
C SER A 91 -4.69 4.49 -20.62
N PHE A 92 -4.28 5.50 -19.85
CA PHE A 92 -2.92 6.02 -19.95
C PHE A 92 -1.90 4.93 -19.71
N MET A 93 -2.10 4.11 -18.68
CA MET A 93 -1.14 3.11 -18.29
C MET A 93 -1.42 1.74 -18.88
N GLY A 94 -2.53 1.57 -19.60
CA GLY A 94 -2.89 0.25 -20.09
C GLY A 94 -3.27 -0.75 -19.01
N TRP A 95 -3.90 -0.29 -17.93
CA TRP A 95 -4.24 -1.13 -16.79
C TRP A 95 -5.73 -1.02 -16.56
N ASP A 96 -6.49 -2.07 -16.87
CA ASP A 96 -7.94 -1.99 -16.78
C ASP A 96 -8.50 -2.49 -15.45
N ARG A 97 -7.64 -2.83 -14.50
CA ARG A 97 -8.06 -3.34 -13.20
C ARG A 97 -8.07 -2.18 -12.20
N PRO A 98 -8.41 -2.40 -10.92
CA PRO A 98 -8.49 -1.25 -10.01
C PRO A 98 -7.15 -0.51 -9.84
N ILE A 99 -7.27 0.77 -9.51
CA ILE A 99 -6.13 1.63 -9.21
C ILE A 99 -6.42 2.39 -7.93
N LEU A 100 -5.47 2.37 -7.01
CA LEU A 100 -5.50 3.19 -5.80
C LEU A 100 -4.61 4.42 -5.99
N THR A 101 -5.10 5.58 -5.56
CA THR A 101 -4.27 6.78 -5.55
C THR A 101 -4.18 7.30 -4.13
N ASP A 102 -3.01 7.75 -3.73
CA ASP A 102 -2.94 8.45 -2.45
C ASP A 102 -3.42 9.88 -2.65
N SER A 103 -3.60 10.59 -1.54
CA SER A 103 -4.23 11.89 -1.60
C SER A 103 -3.24 13.01 -1.87
N GLY A 104 -1.94 12.74 -1.81
CA GLY A 104 -0.95 13.72 -2.16
C GLY A 104 -0.39 14.51 -0.99
N GLY A 105 -0.95 14.35 0.21
CA GLY A 105 -0.48 15.11 1.34
C GLY A 105 0.90 14.69 1.80
N TYR A 106 1.16 13.38 1.80
CA TYR A 106 2.50 12.88 2.07
C TYR A 106 3.43 13.28 0.93
N GLN A 117 0.61 25.71 4.46
CA GLN A 117 0.03 24.97 5.58
C GLN A 117 -1.02 25.79 6.36
N SER A 118 -2.27 25.37 6.30
CA SER A 118 -3.34 26.04 7.03
C SER A 118 -4.55 25.12 7.08
N GLU A 119 -5.58 25.55 7.81
CA GLU A 119 -6.79 24.75 7.91
C GLU A 119 -7.42 24.49 6.53
N GLU A 120 -7.20 25.39 5.56
CA GLU A 120 -7.76 25.20 4.22
C GLU A 120 -7.07 24.06 3.49
N GLY A 121 -5.75 23.95 3.63
CA GLY A 121 -4.96 22.96 2.95
C GLY A 121 -3.48 23.31 3.04
N VAL A 122 -2.76 22.99 1.97
N VAL A 122 -2.75 22.97 1.98
CA VAL A 122 -1.32 23.21 1.91
CA VAL A 122 -1.33 23.22 1.90
C VAL A 122 -0.98 23.88 0.58
C VAL A 122 -1.03 23.92 0.59
N THR A 123 -0.12 24.89 0.63
CA THR A 123 0.38 25.56 -0.56
C THR A 123 1.86 25.20 -0.71
N PHE A 124 2.30 25.00 -1.95
CA PHE A 124 3.69 24.57 -2.18
C PHE A 124 4.24 25.05 -3.52
N MET A 134 -1.15 24.51 -4.55
CA MET A 134 -2.27 24.39 -3.62
C MET A 134 -2.88 22.98 -3.61
N LEU A 135 -3.17 22.49 -2.41
CA LEU A 135 -3.77 21.16 -2.26
C LEU A 135 -4.65 21.19 -1.03
N SER A 136 -5.85 20.66 -1.16
CA SER A 136 -6.85 20.69 -0.10
C SER A 136 -7.64 19.39 -0.17
N PRO A 137 -8.48 19.05 0.82
CA PRO A 137 -9.35 17.87 0.65
C PRO A 137 -10.12 17.92 -0.65
N GLU A 138 -10.75 19.07 -0.94
CA GLU A 138 -11.55 19.21 -2.14
C GLU A 138 -10.69 19.05 -3.39
N ARG A 139 -9.54 19.73 -3.44
CA ARG A 139 -8.70 19.62 -4.63
C ARG A 139 -8.10 18.22 -4.76
N SER A 140 -7.70 17.61 -3.65
CA SER A 140 -7.15 16.26 -3.72
C SER A 140 -8.18 15.30 -4.28
N ILE A 141 -9.42 15.36 -3.79
CA ILE A 141 -10.45 14.47 -4.31
C ILE A 141 -10.69 14.72 -5.80
N GLU A 142 -10.72 15.99 -6.22
N GLU A 142 -10.73 15.99 -6.20
CA GLU A 142 -10.95 16.26 -7.64
CA GLU A 142 -10.92 16.35 -7.61
C GLU A 142 -9.81 15.74 -8.49
C GLU A 142 -9.81 15.76 -8.47
N ILE A 143 -8.56 15.93 -8.05
CA ILE A 143 -7.43 15.37 -8.77
C ILE A 143 -7.58 13.86 -8.94
N GLN A 144 -7.94 13.18 -7.85
CA GLN A 144 -8.07 11.72 -7.95
C GLN A 144 -9.24 11.34 -8.83
N HIS A 145 -10.28 12.19 -8.85
CA HIS A 145 -11.39 12.00 -9.78
C HIS A 145 -10.91 12.09 -11.23
N LEU A 146 -10.18 13.16 -11.56
CA LEU A 146 -9.64 13.33 -12.91
C LEU A 146 -8.72 12.19 -13.32
N LEU A 147 -7.92 11.70 -12.39
CA LEU A 147 -7.09 10.54 -12.70
C LEU A 147 -7.91 9.28 -12.91
N GLY A 148 -9.14 9.22 -12.36
CA GLY A 148 -9.98 8.07 -12.58
C GLY A 148 -9.74 6.90 -11.66
N SER A 149 -9.15 7.12 -10.49
CA SER A 149 -8.81 6.00 -9.65
C SER A 149 -10.04 5.38 -9.02
N ASP A 150 -9.91 4.08 -8.70
CA ASP A 150 -10.98 3.30 -8.11
C ASP A 150 -11.03 3.40 -6.59
N ILE A 151 -9.87 3.47 -5.94
CA ILE A 151 -9.82 3.66 -4.50
C ILE A 151 -9.13 4.99 -4.25
N VAL A 152 -9.84 5.87 -3.56
CA VAL A 152 -9.47 7.25 -3.36
C VAL A 152 -9.12 7.41 -1.88
N MET A 153 -7.97 8.00 -1.60
CA MET A 153 -7.57 8.22 -0.21
C MET A 153 -8.03 9.61 0.21
N ALA A 154 -8.60 9.69 1.41
CA ALA A 154 -8.93 11.00 1.96
C ALA A 154 -7.66 11.81 2.14
N PHE A 155 -7.80 13.13 2.08
CA PHE A 155 -6.67 14.03 2.25
C PHE A 155 -6.42 14.24 3.74
N ASP A 156 -5.22 13.86 4.19
CA ASP A 156 -4.85 13.84 5.59
C ASP A 156 -3.56 14.61 5.80
N GLU A 157 -3.15 14.68 7.06
CA GLU A 157 -1.86 15.25 7.47
C GLU A 157 -1.09 14.17 8.22
N CYS A 158 -0.07 13.60 7.57
CA CYS A 158 0.73 12.52 8.15
C CYS A 158 1.66 13.08 9.21
N THR A 159 1.33 12.83 10.48
CA THR A 159 2.02 13.46 11.60
C THR A 159 3.50 13.06 11.62
N PRO A 160 4.43 14.00 11.80
CA PRO A 160 5.85 13.63 11.90
C PRO A 160 6.16 12.85 13.16
N TYR A 161 7.22 12.04 13.08
CA TYR A 161 7.68 11.24 14.19
C TYR A 161 9.09 11.64 14.61
N PRO A 162 9.32 11.80 15.93
CA PRO A 162 8.30 11.63 16.98
C PRO A 162 7.42 12.88 17.13
N ALA A 163 6.33 12.78 17.89
CA ALA A 163 5.43 13.91 18.09
C ALA A 163 4.92 13.94 19.52
N THR A 164 4.86 15.14 20.11
CA THR A 164 4.26 15.28 21.42
C THR A 164 2.78 14.90 21.36
N PRO A 165 2.19 14.51 22.50
CA PRO A 165 0.74 14.27 22.50
C PRO A 165 -0.08 15.44 21.97
N SER A 166 0.27 16.68 22.36
CA SER A 166 -0.48 17.84 21.90
C SER A 166 -0.37 18.03 20.39
N ARG A 167 0.84 17.92 19.83
CA ARG A 167 1.01 18.02 18.38
C ARG A 167 0.28 16.89 17.67
N ALA A 168 0.44 15.66 18.14
CA ALA A 168 -0.26 14.53 17.52
C ALA A 168 -1.77 14.73 17.57
N ALA A 169 -2.28 15.30 18.66
CA ALA A 169 -3.71 15.52 18.79
C ALA A 169 -4.19 16.59 17.79
N SER A 170 -3.49 17.73 17.75
CA SER A 170 -3.87 18.80 16.83
C SER A 170 -3.88 18.32 15.39
N SER A 171 -2.85 17.54 15.01
CA SER A 171 -2.75 17.04 13.65
C SER A 171 -3.85 16.03 13.35
N MET A 172 -4.11 15.12 14.29
CA MET A 172 -5.17 14.15 14.09
C MET A 172 -6.51 14.85 13.95
N GLU A 173 -6.76 15.87 14.79
CA GLU A 173 -8.04 16.57 14.76
C GLU A 173 -8.25 17.25 13.41
N ARG A 174 -7.20 17.88 12.87
CA ARG A 174 -7.32 18.50 11.55
C ARG A 174 -7.55 17.44 10.48
N SER A 175 -6.81 16.32 10.55
CA SER A 175 -7.04 15.26 9.58
C SER A 175 -8.49 14.76 9.64
N MET A 176 -9.07 14.73 10.83
CA MET A 176 -10.45 14.28 10.92
C MET A 176 -11.41 15.31 10.29
N ARG A 177 -11.16 16.60 10.50
CA ARG A 177 -11.95 17.60 9.78
C ARG A 177 -11.74 17.48 8.27
N TRP A 178 -10.50 17.22 7.85
CA TRP A 178 -10.21 17.03 6.42
C TRP A 178 -10.84 15.76 5.89
N ALA A 179 -10.96 14.73 6.72
CA ALA A 179 -11.61 13.50 6.28
C ALA A 179 -13.09 13.74 6.00
N LYS A 180 -13.75 14.54 6.83
CA LYS A 180 -15.15 14.88 6.58
C LYS A 180 -15.30 15.69 5.29
N ARG A 181 -14.38 16.64 5.08
CA ARG A 181 -14.37 17.39 3.83
C ARG A 181 -14.05 16.48 2.63
N SER A 182 -13.20 15.47 2.81
CA SER A 182 -12.93 14.54 1.72
C SER A 182 -14.19 13.75 1.37
N ARG A 183 -14.87 13.22 2.40
CA ARG A 183 -16.14 12.53 2.24
C ARG A 183 -17.15 13.36 1.44
N ASP A 184 -17.29 14.63 1.82
CA ASP A 184 -18.31 15.46 1.18
C ASP A 184 -17.96 15.74 -0.27
N ALA A 185 -16.68 16.07 -0.55
CA ALA A 185 -16.25 16.30 -1.91
C ALA A 185 -16.44 15.07 -2.76
N PHE A 186 -16.02 13.91 -2.25
CA PHE A 186 -16.22 12.65 -2.93
C PHE A 186 -17.69 12.42 -3.26
N ASP A 187 -18.56 12.67 -2.28
CA ASP A 187 -19.98 12.41 -2.48
C ASP A 187 -20.63 13.40 -3.44
N SER A 188 -20.00 14.56 -3.66
N SER A 188 -20.00 14.57 -3.66
CA SER A 188 -20.59 15.57 -4.54
CA SER A 188 -20.61 15.55 -4.54
C SER A 188 -20.34 15.30 -6.01
C SER A 188 -20.45 15.21 -6.01
N ARG A 189 -19.50 14.32 -6.34
CA ARG A 189 -19.20 13.96 -7.73
C ARG A 189 -19.84 12.61 -8.00
N LYS A 190 -20.93 12.61 -8.77
CA LYS A 190 -21.74 11.41 -8.95
C LYS A 190 -20.94 10.27 -9.55
N GLU A 191 -20.14 10.55 -10.58
CA GLU A 191 -19.37 9.48 -11.22
C GLU A 191 -18.42 8.83 -10.22
N GLN A 192 -17.80 9.65 -9.37
CA GLN A 192 -16.91 9.14 -8.35
C GLN A 192 -17.68 8.39 -7.27
N ALA A 193 -18.74 9.00 -6.73
CA ALA A 193 -19.47 8.38 -5.64
C ALA A 193 -20.08 7.04 -6.05
N GLU A 194 -20.43 6.87 -7.33
CA GLU A 194 -21.13 5.67 -7.77
C GLU A 194 -20.20 4.57 -8.26
N ASN A 195 -18.95 4.89 -8.61
CA ASN A 195 -18.04 3.93 -9.23
C ASN A 195 -16.73 3.72 -8.48
N ALA A 196 -16.35 4.65 -7.61
CA ALA A 196 -15.12 4.58 -6.85
C ALA A 196 -15.43 4.26 -5.38
N ALA A 197 -14.37 4.09 -4.60
CA ALA A 197 -14.48 3.90 -3.16
C ALA A 197 -13.57 4.88 -2.44
N LEU A 198 -13.93 5.21 -1.19
CA LEU A 198 -13.19 6.19 -0.41
C LEU A 198 -12.71 5.57 0.88
N PHE A 199 -11.41 5.69 1.16
CA PHE A 199 -10.81 5.20 2.40
C PHE A 199 -10.46 6.39 3.30
N GLY A 200 -10.77 6.25 4.60
CA GLY A 200 -10.33 7.21 5.59
C GLY A 200 -9.01 6.79 6.21
N ILE A 201 -8.24 7.75 6.70
CA ILE A 201 -6.91 7.44 7.23
C ILE A 201 -6.89 7.78 8.71
N GLN A 202 -6.63 6.78 9.54
CA GLN A 202 -6.46 6.99 10.96
C GLN A 202 -5.11 7.65 11.24
N GLN A 203 -5.11 8.65 12.12
CA GLN A 203 -3.85 9.23 12.57
C GLN A 203 -3.79 9.14 14.10
N GLY A 204 -2.94 9.93 14.73
CA GLY A 204 -2.80 9.87 16.17
C GLY A 204 -1.45 9.40 16.66
N SER A 205 -0.50 9.23 15.75
CA SER A 205 0.90 8.96 16.13
C SER A 205 0.92 7.63 16.89
N VAL A 206 1.61 7.54 18.02
CA VAL A 206 1.73 6.30 18.77
C VAL A 206 0.86 6.31 20.03
N PHE A 207 -0.16 7.17 20.07
CA PHE A 207 -0.95 7.36 21.29
C PHE A 207 -2.29 6.66 21.15
N GLU A 208 -2.54 5.72 22.07
CA GLU A 208 -3.74 4.89 21.99
C GLU A 208 -5.01 5.74 22.08
N ASN A 209 -5.04 6.74 22.98
CA ASN A 209 -6.27 7.55 23.11
C ASN A 209 -6.54 8.36 21.86
N LEU A 210 -5.50 8.88 21.20
CA LEU A 210 -5.72 9.62 19.95
C LEU A 210 -6.11 8.67 18.81
N ARG A 211 -5.47 7.50 18.73
CA ARG A 211 -5.87 6.51 17.73
C ARG A 211 -7.33 6.13 17.90
N GLN A 212 -7.79 5.96 19.15
CA GLN A 212 -9.20 5.66 19.41
C GLN A 212 -10.10 6.81 18.96
N GLN A 213 -9.72 8.04 19.27
CA GLN A 213 -10.55 9.17 18.87
C GLN A 213 -10.63 9.25 17.35
N SER A 214 -9.50 9.02 16.67
CA SER A 214 -9.48 9.08 15.22
C SER A 214 -10.36 7.99 14.61
N ALA A 215 -10.25 6.76 15.12
CA ALA A 215 -11.09 5.69 14.61
C ALA A 215 -12.56 6.02 14.78
N ASP A 216 -12.93 6.56 15.95
CA ASP A 216 -14.32 6.96 16.21
C ASP A 216 -14.80 8.01 15.21
N ALA A 217 -13.99 9.04 14.99
CA ALA A 217 -14.34 10.09 14.03
C ALA A 217 -14.52 9.49 12.63
N LEU A 218 -13.60 8.62 12.23
CA LEU A 218 -13.67 8.04 10.89
C LEU A 218 -14.90 7.16 10.74
N ALA A 219 -15.18 6.31 11.74
CA ALA A 219 -16.35 5.44 11.66
C ALA A 219 -17.65 6.25 11.63
N GLU A 220 -17.70 7.38 12.35
CA GLU A 220 -18.93 8.17 12.38
C GLU A 220 -19.17 8.85 11.04
N ILE A 221 -18.10 9.31 10.38
CA ILE A 221 -18.21 9.79 9.01
C ILE A 221 -18.62 8.65 8.08
N GLY A 222 -17.91 7.52 8.17
CA GLY A 222 -18.22 6.36 7.37
C GLY A 222 -17.39 6.34 6.11
N PHE A 223 -16.58 5.28 5.95
CA PHE A 223 -15.74 5.08 4.77
C PHE A 223 -15.85 3.64 4.30
N ASP A 224 -15.34 3.40 3.10
CA ASP A 224 -15.37 2.07 2.50
C ASP A 224 -14.22 1.21 3.01
N GLY A 225 -13.11 1.82 3.37
CA GLY A 225 -12.02 1.12 4.01
C GLY A 225 -11.32 2.14 4.89
N TYR A 226 -10.43 1.63 5.74
CA TYR A 226 -9.75 2.45 6.74
C TYR A 226 -8.25 2.17 6.66
N ALA A 227 -7.47 3.20 6.46
CA ALA A 227 -6.03 3.07 6.48
C ALA A 227 -5.50 3.40 7.87
N VAL A 228 -4.44 2.69 8.26
CA VAL A 228 -3.66 3.09 9.42
C VAL A 228 -2.53 3.98 8.90
N GLY A 229 -2.65 5.28 9.11
CA GLY A 229 -1.66 6.21 8.64
C GLY A 229 -0.66 6.55 9.73
N GLY A 230 0.37 7.30 9.35
CA GLY A 230 1.30 7.82 10.32
C GLY A 230 2.28 6.83 10.89
N LEU A 231 2.37 5.64 10.32
CA LEU A 231 3.43 4.70 10.67
C LEU A 231 4.38 4.54 9.48
N ALA A 232 5.43 3.76 9.68
CA ALA A 232 6.52 3.66 8.70
C ALA A 232 7.13 5.04 8.45
N VAL A 233 7.34 5.80 9.53
CA VAL A 233 7.94 7.12 9.45
C VAL A 233 9.17 7.13 10.34
N GLY A 234 9.82 5.98 10.45
CA GLY A 234 11.04 5.84 11.22
C GLY A 234 10.88 5.37 12.64
N GLU A 235 9.75 4.77 12.99
CA GLU A 235 9.53 4.35 14.37
C GLU A 235 10.16 3.01 14.69
N GLY A 236 10.53 2.21 13.70
CA GLY A 236 11.05 0.91 14.05
C GLY A 236 9.94 -0.12 14.18
N GLN A 237 10.31 -1.39 13.96
CA GLN A 237 9.30 -2.43 13.80
C GLN A 237 8.59 -2.73 15.12
N ASP A 238 9.35 -2.82 16.23
CA ASP A 238 8.73 -3.10 17.52
C ASP A 238 7.68 -2.05 17.86
N GLU A 239 8.00 -0.78 17.65
CA GLU A 239 7.05 0.30 17.95
C GLU A 239 5.85 0.24 17.02
N MET A 240 6.09 0.05 15.72
CA MET A 240 4.97 -0.06 14.77
C MET A 240 4.03 -1.19 15.15
N PHE A 241 4.58 -2.39 15.39
CA PHE A 241 3.77 -3.52 15.85
C PHE A 241 3.00 -3.17 17.12
N ARG A 242 3.68 -2.52 18.07
CA ARG A 242 3.00 -2.09 19.30
C ARG A 242 1.81 -1.21 18.99
N VAL A 243 1.97 -0.25 18.09
CA VAL A 243 0.86 0.66 17.76
C VAL A 243 -0.25 -0.09 17.02
N LEU A 244 0.14 -0.99 16.11
CA LEU A 244 -0.85 -1.80 15.40
C LEU A 244 -1.65 -2.68 16.36
N ASP A 245 -1.02 -3.16 17.42
CA ASP A 245 -1.68 -4.07 18.37
C ASP A 245 -2.98 -3.46 18.90
N PHE A 246 -2.95 -2.20 19.31
CA PHE A 246 -4.18 -1.58 19.79
C PHE A 246 -4.94 -0.80 18.71
N SER A 247 -4.31 -0.42 17.61
CA SER A 247 -4.97 0.48 16.68
C SER A 247 -5.90 -0.25 15.71
N VAL A 248 -5.48 -1.40 15.18
CA VAL A 248 -6.32 -2.07 14.17
C VAL A 248 -7.65 -2.50 14.73
N PRO A 249 -7.77 -3.06 15.94
CA PRO A 249 -9.10 -3.43 16.46
C PRO A 249 -10.04 -2.25 16.66
N MET A 250 -9.52 -1.02 16.68
CA MET A 250 -10.40 0.14 16.78
C MET A 250 -11.18 0.38 15.49
N LEU A 251 -10.64 -0.09 14.36
CA LEU A 251 -11.30 0.12 13.09
C LEU A 251 -12.48 -0.83 12.96
N PRO A 252 -13.45 -0.51 12.10
CA PRO A 252 -14.53 -1.47 11.83
C PRO A 252 -13.95 -2.80 11.36
N ASP A 253 -14.34 -3.88 12.03
CA ASP A 253 -13.84 -5.20 11.66
C ASP A 253 -14.28 -5.60 10.26
N ASP A 254 -15.46 -5.17 9.84
CA ASP A 254 -16.02 -5.63 8.58
C ASP A 254 -15.55 -4.82 7.38
N LYS A 255 -14.56 -3.95 7.56
CA LYS A 255 -14.03 -3.14 6.46
C LYS A 255 -12.54 -3.41 6.30
N PRO A 256 -12.01 -3.28 5.07
CA PRO A 256 -10.57 -3.52 4.85
C PRO A 256 -9.70 -2.53 5.63
N HIS A 257 -8.52 -3.01 6.05
CA HIS A 257 -7.53 -2.24 6.80
C HIS A 257 -6.25 -2.15 5.96
N TYR A 258 -5.82 -0.93 5.66
CA TYR A 258 -4.69 -0.67 4.76
C TYR A 258 -3.58 0.00 5.56
N LEU A 259 -2.42 -0.65 5.65
CA LEU A 259 -1.27 -0.08 6.36
C LEU A 259 -0.38 0.62 5.34
N MET A 260 -0.39 1.96 5.38
CA MET A 260 0.24 2.73 4.32
C MET A 260 1.75 2.75 4.50
N GLY A 261 2.47 2.52 3.41
CA GLY A 261 3.91 2.62 3.41
C GLY A 261 4.65 1.38 3.88
N VAL A 262 3.96 0.29 4.19
CA VAL A 262 4.63 -0.91 4.70
C VAL A 262 4.51 -2.06 3.69
N GLY A 263 5.60 -2.77 3.43
CA GLY A 263 6.90 -2.56 4.06
C GLY A 263 7.84 -3.71 3.68
N LYS A 264 8.81 -4.00 4.52
CA LYS A 264 9.65 -5.16 4.31
C LYS A 264 8.81 -6.43 4.44
N PRO A 265 9.24 -7.54 3.85
CA PRO A 265 8.44 -8.77 3.95
C PRO A 265 8.09 -9.15 5.39
N ASP A 266 9.03 -9.03 6.32
CA ASP A 266 8.70 -9.34 7.72
C ASP A 266 7.75 -8.32 8.34
N ASP A 267 7.82 -7.05 7.94
CA ASP A 267 6.80 -6.10 8.40
C ASP A 267 5.40 -6.55 7.97
N ILE A 268 5.28 -7.01 6.71
CA ILE A 268 3.99 -7.40 6.16
C ILE A 268 3.43 -8.60 6.93
N VAL A 269 4.26 -9.63 7.17
CA VAL A 269 3.79 -10.80 7.89
C VAL A 269 3.29 -10.40 9.28
N GLY A 270 4.07 -9.62 10.01
CA GLY A 270 3.64 -9.19 11.32
C GLY A 270 2.38 -8.33 11.31
N ALA A 271 2.23 -7.50 10.28
CA ALA A 271 1.03 -6.66 10.22
C ALA A 271 -0.20 -7.46 9.80
N VAL A 272 -0.06 -8.48 8.96
CA VAL A 272 -1.19 -9.37 8.71
C VAL A 272 -1.62 -10.07 10.00
N GLU A 273 -0.65 -10.50 10.82
CA GLU A 273 -0.91 -11.11 12.12
C GLU A 273 -1.68 -10.17 13.05
N ARG A 274 -1.64 -8.87 12.79
CA ARG A 274 -2.34 -7.88 13.59
C ARG A 274 -3.56 -7.32 12.88
N GLY A 275 -3.99 -7.91 11.76
CA GLY A 275 -5.26 -7.59 11.14
C GLY A 275 -5.23 -6.64 9.94
N ILE A 276 -4.07 -6.40 9.33
CA ILE A 276 -3.98 -5.58 8.14
C ILE A 276 -4.32 -6.40 6.90
N ASP A 277 -5.05 -5.78 5.96
CA ASP A 277 -5.49 -6.41 4.73
C ASP A 277 -4.78 -5.90 3.48
N MET A 278 -4.16 -4.72 3.53
CA MET A 278 -3.64 -4.11 2.31
C MET A 278 -2.33 -3.40 2.61
N PHE A 279 -1.43 -3.45 1.63
CA PHE A 279 -0.07 -2.95 1.76
C PHE A 279 0.39 -2.27 0.49
N ASP A 280 1.19 -1.23 0.65
CA ASP A 280 1.96 -0.63 -0.43
C ASP A 280 3.34 -0.30 0.12
N CYS A 281 4.35 -0.42 -0.73
CA CYS A 281 5.70 -0.08 -0.30
C CYS A 281 6.59 0.15 -1.52
N VAL A 282 7.44 1.17 -1.46
CA VAL A 282 8.36 1.43 -2.57
C VAL A 282 9.56 0.49 -2.54
N LEU A 283 9.71 -0.34 -1.51
CA LEU A 283 10.92 -1.13 -1.37
C LEU A 283 11.18 -2.08 -2.54
N PRO A 284 10.23 -2.93 -2.97
CA PRO A 284 10.59 -3.86 -4.06
C PRO A 284 11.07 -3.18 -5.31
N THR A 285 10.49 -2.03 -5.68
CA THR A 285 10.93 -1.33 -6.87
C THR A 285 12.19 -0.51 -6.62
N ARG A 286 12.30 0.12 -5.44
CA ARG A 286 13.51 0.85 -5.10
C ARG A 286 14.71 -0.08 -4.99
N SER A 287 14.54 -1.19 -4.27
CA SER A 287 15.63 -2.14 -4.08
C SER A 287 16.17 -2.67 -5.39
N GLY A 288 15.27 -2.93 -6.35
CA GLY A 288 15.70 -3.49 -7.62
C GLY A 288 16.72 -2.64 -8.34
N ARG A 289 16.57 -1.32 -8.29
CA ARG A 289 17.54 -0.45 -8.95
C ARG A 289 18.88 -0.46 -8.24
N ASN A 290 18.86 -0.60 -6.91
CA ASN A 290 20.06 -0.47 -6.09
C ASN A 290 20.71 -1.82 -5.79
N GLY A 291 20.29 -2.89 -6.46
CA GLY A 291 20.96 -4.17 -6.34
C GLY A 291 20.44 -5.12 -5.28
N GLN A 292 19.33 -4.79 -4.60
CA GLN A 292 18.84 -5.60 -3.49
C GLN A 292 17.68 -6.48 -3.97
N ALA A 293 17.81 -7.79 -3.76
CA ALA A 293 16.76 -8.75 -4.08
C ALA A 293 16.23 -9.38 -2.82
N PHE A 294 14.91 -9.55 -2.75
CA PHE A 294 14.27 -10.25 -1.64
C PHE A 294 14.14 -11.72 -1.97
N THR A 295 14.53 -12.57 -1.02
CA THR A 295 14.47 -14.02 -1.15
C THR A 295 13.91 -14.58 0.14
N TRP A 296 13.54 -15.86 0.11
CA TRP A 296 13.04 -16.51 1.32
C TRP A 296 14.11 -16.63 2.39
N ASP A 297 15.38 -16.49 2.03
CA ASP A 297 16.48 -16.49 2.98
C ASP A 297 16.94 -15.09 3.35
N GLY A 298 16.11 -14.10 3.11
CA GLY A 298 16.44 -12.73 3.43
C GLY A 298 16.83 -11.96 2.20
N PRO A 299 17.06 -10.66 2.36
CA PRO A 299 17.53 -9.85 1.24
C PRO A 299 19.01 -10.07 1.00
N ILE A 300 19.39 -10.02 -0.27
CA ILE A 300 20.80 -10.13 -0.68
C ILE A 300 21.11 -8.93 -1.57
N ASN A 301 22.37 -8.48 -1.56
CA ASN A 301 22.82 -7.50 -2.55
C ASN A 301 23.53 -8.24 -3.65
N ILE A 302 22.88 -8.31 -4.82
CA ILE A 302 23.39 -9.12 -5.92
C ILE A 302 24.69 -8.56 -6.48
N ARG A 303 25.01 -7.29 -6.24
CA ARG A 303 26.27 -6.74 -6.73
C ARG A 303 27.46 -7.33 -5.98
N ASN A 304 27.24 -7.95 -4.83
CA ASN A 304 28.34 -8.46 -4.03
C ASN A 304 29.08 -9.56 -4.79
N ALA A 305 30.42 -9.52 -4.68
CA ALA A 305 31.27 -10.43 -5.43
C ALA A 305 30.96 -11.90 -5.16
N ARG A 306 30.36 -12.23 -4.02
CA ARG A 306 30.05 -13.64 -3.73
C ARG A 306 29.02 -14.22 -4.70
N PHE A 307 28.35 -13.42 -5.51
CA PHE A 307 27.38 -13.91 -6.48
C PHE A 307 27.93 -14.00 -7.90
N SER A 308 29.21 -13.65 -8.11
CA SER A 308 29.74 -13.59 -9.47
C SER A 308 29.80 -14.97 -10.14
N GLU A 309 29.88 -16.05 -9.38
CA GLU A 309 29.88 -17.38 -9.97
C GLU A 309 28.73 -18.24 -9.43
N ASP A 310 27.70 -17.62 -8.89
CA ASP A 310 26.59 -18.33 -8.28
C ASP A 310 25.56 -18.63 -9.37
N LEU A 311 25.44 -19.90 -9.75
CA LEU A 311 24.53 -20.34 -10.81
C LEU A 311 23.10 -20.56 -10.33
N LYS A 312 22.83 -20.44 -9.02
CA LYS A 312 21.46 -20.58 -8.57
C LYS A 312 20.63 -19.38 -9.01
N PRO A 313 19.34 -19.58 -9.25
CA PRO A 313 18.47 -18.44 -9.57
C PRO A 313 18.34 -17.52 -8.37
N LEU A 314 17.79 -16.33 -8.61
CA LEU A 314 17.63 -15.34 -7.54
C LEU A 314 17.09 -15.97 -6.26
N ASP A 315 16.01 -16.74 -6.36
CA ASP A 315 15.57 -17.52 -5.21
C ASP A 315 15.38 -19.01 -5.54
N CYS A 318 11.66 -19.70 -5.99
CA CYS A 318 10.82 -18.70 -6.66
C CYS A 318 10.33 -19.23 -8.01
N HIS A 319 9.13 -18.80 -8.38
CA HIS A 319 8.48 -19.26 -9.61
C HIS A 319 8.56 -18.27 -10.75
N CYS A 320 9.04 -17.05 -10.51
CA CYS A 320 8.94 -15.99 -11.50
C CYS A 320 9.77 -16.29 -12.74
N ALA A 321 9.46 -15.58 -13.83
CA ALA A 321 10.15 -15.79 -15.09
C ALA A 321 11.65 -15.52 -14.96
N VAL A 322 12.02 -14.53 -14.14
CA VAL A 322 13.44 -14.26 -13.91
C VAL A 322 14.11 -15.47 -13.28
N CYS A 323 13.54 -15.96 -12.17
CA CYS A 323 14.13 -17.11 -11.48
C CYS A 323 14.11 -18.37 -12.34
N GLN A 324 13.31 -18.39 -13.39
CA GLN A 324 13.37 -19.53 -14.32
C GLN A 324 14.69 -19.54 -15.08
N LYS A 325 14.95 -18.50 -15.86
CA LYS A 325 16.02 -18.54 -16.85
C LYS A 325 17.35 -17.97 -16.38
N TRP A 326 17.36 -17.12 -15.34
CA TRP A 326 18.50 -16.27 -15.04
C TRP A 326 19.18 -16.65 -13.72
N SER A 327 20.49 -16.82 -13.78
CA SER A 327 21.28 -17.10 -12.59
C SER A 327 21.59 -15.82 -11.82
N ARG A 328 21.90 -15.99 -10.53
CA ARG A 328 22.45 -14.89 -9.77
C ARG A 328 23.67 -14.30 -10.45
N ALA A 329 24.51 -15.16 -11.03
CA ALA A 329 25.75 -14.71 -11.64
C ALA A 329 25.48 -13.78 -12.81
N TYR A 330 24.48 -14.10 -13.64
CA TYR A 330 24.23 -13.26 -14.81
C TYR A 330 23.59 -11.93 -14.41
N ILE A 331 22.66 -11.95 -13.45
CA ILE A 331 22.07 -10.70 -12.97
C ILE A 331 23.14 -9.82 -12.30
N HIS A 332 23.98 -10.43 -11.47
CA HIS A 332 25.17 -9.76 -10.93
C HIS A 332 25.94 -9.04 -12.02
N HIS A 333 26.25 -9.77 -13.10
CA HIS A 333 27.01 -9.22 -14.22
C HIS A 333 26.29 -8.03 -14.86
N LEU A 334 24.99 -8.18 -15.11
CA LEU A 334 24.24 -7.12 -15.77
C LEU A 334 24.26 -5.84 -14.94
N ILE A 335 24.02 -5.97 -13.64
CA ILE A 335 23.95 -4.81 -12.77
C ILE A 335 25.32 -4.17 -12.61
N ARG A 336 26.36 -4.99 -12.41
CA ARG A 336 27.72 -4.47 -12.33
C ARG A 336 28.10 -3.75 -13.62
N ALA A 337 27.58 -4.20 -14.76
CA ALA A 337 27.89 -3.57 -16.02
C ALA A 337 27.04 -2.34 -16.30
N GLY A 338 26.12 -1.97 -15.42
CA GLY A 338 25.25 -0.83 -15.68
C GLY A 338 24.14 -1.09 -16.69
N GLU A 339 23.86 -2.35 -17.00
CA GLU A 339 22.85 -2.67 -18.00
C GLU A 339 21.46 -2.52 -17.41
N ILE A 340 20.58 -1.79 -18.12
CA ILE A 340 19.23 -1.58 -17.60
C ILE A 340 18.50 -2.91 -17.44
N LEU A 341 18.82 -3.90 -18.30
CA LEU A 341 18.19 -5.22 -18.18
C LEU A 341 18.35 -5.79 -16.77
N GLY A 342 19.51 -5.58 -16.17
CA GLY A 342 19.71 -6.08 -14.81
C GLY A 342 18.73 -5.50 -13.83
N ALA A 343 18.61 -4.16 -13.81
CA ALA A 343 17.66 -3.55 -12.89
C ALA A 343 16.24 -4.01 -13.17
N MET A 344 15.89 -4.16 -14.46
CA MET A 344 14.53 -4.56 -14.80
C MET A 344 14.24 -5.97 -14.31
N LEU A 345 15.20 -6.89 -14.47
CA LEU A 345 15.01 -8.25 -13.99
C LEU A 345 14.95 -8.31 -12.48
N MET A 346 15.77 -7.50 -11.81
CA MET A 346 15.72 -7.43 -10.35
C MET A 346 14.37 -6.89 -9.86
N THR A 347 13.86 -5.87 -10.52
CA THR A 347 12.56 -5.31 -10.13
C THR A 347 11.45 -6.32 -10.34
N GLU A 348 11.42 -6.98 -11.50
CA GLU A 348 10.43 -8.02 -11.75
C GLU A 348 10.50 -9.13 -10.72
N HIS A 349 11.71 -9.55 -10.34
CA HIS A 349 11.81 -10.59 -9.32
C HIS A 349 11.23 -10.11 -7.99
N ASN A 350 11.58 -8.89 -7.58
CA ASN A 350 11.12 -8.39 -6.29
C ASN A 350 9.60 -8.26 -6.27
N ILE A 351 9.02 -7.70 -7.33
CA ILE A 351 7.56 -7.62 -7.43
C ILE A 351 6.95 -9.03 -7.36
N ALA A 352 7.51 -9.96 -8.12
CA ALA A 352 6.99 -11.33 -8.11
C ALA A 352 7.13 -11.95 -6.73
N PHE A 353 8.25 -11.70 -6.05
CA PHE A 353 8.44 -12.25 -4.71
C PHE A 353 7.35 -11.75 -3.75
N TYR A 354 7.05 -10.46 -3.80
CA TYR A 354 6.02 -9.93 -2.91
C TYR A 354 4.66 -10.58 -3.17
N GLN A 355 4.32 -10.82 -4.43
CA GLN A 355 3.03 -11.45 -4.74
C GLN A 355 3.01 -12.92 -4.33
N GLN A 356 4.15 -13.63 -4.47
CA GLN A 356 4.22 -15.00 -3.96
C GLN A 356 4.07 -15.02 -2.44
N LEU A 357 4.67 -14.04 -1.77
CA LEU A 357 4.50 -13.90 -0.32
C LEU A 357 3.03 -13.69 0.04
N MET A 358 2.35 -12.78 -0.65
CA MET A 358 0.94 -12.54 -0.34
C MET A 358 0.09 -13.78 -0.64
N GLN A 359 0.40 -14.50 -1.72
CA GLN A 359 -0.34 -15.73 -2.03
C GLN A 359 -0.13 -16.77 -0.93
N LYS A 360 1.09 -16.95 -0.44
CA LYS A 360 1.32 -17.89 0.65
C LYS A 360 0.62 -17.45 1.93
N ILE A 361 0.58 -16.13 2.19
CA ILE A 361 -0.16 -15.63 3.34
C ILE A 361 -1.65 -15.95 3.20
N ARG A 362 -2.24 -15.66 2.04
CA ARG A 362 -3.66 -15.92 1.85
C ARG A 362 -3.97 -17.41 2.00
N ASP A 363 -3.16 -18.25 1.35
CA ASP A 363 -3.41 -19.69 1.44
C ASP A 363 -3.30 -20.17 2.88
N SER A 364 -2.25 -19.75 3.59
CA SER A 364 -2.09 -20.30 4.93
C SER A 364 -3.18 -19.82 5.89
N ILE A 365 -3.64 -18.58 5.74
CA ILE A 365 -4.80 -18.16 6.53
C ILE A 365 -6.02 -18.99 6.17
N SER A 366 -6.25 -19.17 4.87
CA SER A 366 -7.41 -19.94 4.45
C SER A 366 -7.37 -21.37 4.98
N GLU A 367 -6.17 -21.94 5.10
CA GLU A 367 -5.97 -23.31 5.55
C GLU A 367 -5.76 -23.42 7.06
N GLY A 368 -5.86 -22.30 7.78
CA GLY A 368 -5.64 -22.34 9.22
C GLY A 368 -4.24 -22.73 9.63
N ARG A 369 -3.22 -22.35 8.85
CA ARG A 369 -1.84 -22.61 9.23
C ARG A 369 -0.98 -21.36 9.06
N PHE A 370 -1.59 -20.18 9.19
CA PHE A 370 -0.82 -18.95 9.03
C PHE A 370 0.16 -18.75 10.17
N SER A 371 -0.26 -19.06 11.40
CA SER A 371 0.67 -18.95 12.52
C SER A 371 1.92 -19.78 12.29
N GLN A 372 1.75 -21.01 11.78
CA GLN A 372 2.92 -21.83 11.48
C GLN A 372 3.73 -21.24 10.34
N PHE A 373 3.06 -20.75 9.29
CA PHE A 373 3.75 -20.11 8.18
C PHE A 373 4.59 -18.93 8.66
N ALA A 374 3.99 -18.06 9.48
CA ALA A 374 4.73 -16.90 9.96
C ALA A 374 5.98 -17.33 10.71
N GLN A 375 5.87 -18.39 11.51
CA GLN A 375 7.01 -18.88 12.28
C GLN A 375 8.09 -19.45 11.37
N ASP A 376 7.68 -20.29 10.41
CA ASP A 376 8.65 -20.83 9.44
C ASP A 376 9.27 -19.72 8.62
N PHE A 377 8.46 -18.73 8.22
CA PHE A 377 8.99 -17.65 7.40
C PHE A 377 10.11 -16.92 8.14
N ARG A 378 9.89 -16.58 9.41
CA ARG A 378 10.86 -15.77 10.14
C ARG A 378 12.14 -16.56 10.43
N ALA A 379 11.99 -17.84 10.77
CA ALA A 379 13.17 -18.66 11.03
C ALA A 379 14.08 -18.72 9.81
N ARG A 380 13.50 -18.88 8.62
CA ARG A 380 14.30 -18.96 7.41
C ARG A 380 14.75 -17.59 6.92
N TYR A 381 13.86 -16.60 7.01
CA TYR A 381 14.19 -15.26 6.49
C TYR A 381 15.33 -14.62 7.30
N PHE A 382 15.35 -14.83 8.60
CA PHE A 382 16.38 -14.24 9.44
C PHE A 382 17.53 -15.19 9.75
N ALA A 383 17.50 -16.41 9.19
CA ALA A 383 18.65 -17.32 9.28
C ALA A 383 19.78 -16.80 8.42
ZN ZN B . 12.28 -14.80 -8.94
C10 72C C . 2.17 6.51 0.52
C15 72C C . 3.02 6.05 -4.18
C14 72C C . 3.93 5.64 -2.11
C12 72C C . 4.47 7.04 -1.80
C11 72C C . 2.26 6.93 -0.93
C8 72C C . 2.10 7.42 2.90
C9 72C C . 2.30 7.72 1.43
N1 72C C . 4.14 6.04 5.54
O3 72C C . 4.06 5.36 -3.49
C1 72C C . 4.88 5.79 4.46
C2 72C C . 3.00 6.66 5.05
C3 72C C . 1.94 7.25 5.74
C4 72C C . 0.96 7.92 5.01
C5 72C C . -0.11 8.65 5.70
C6 72C C . -0.87 9.32 3.49
C7 72C C . 1.03 7.97 3.62
O 72C C . -0.22 8.73 6.92
N2 72C C . -0.97 9.32 4.86
N3 72C C . -1.79 10.00 2.81
N4 72C C . 0.09 8.67 2.84
C19 72C C . 3.08 6.76 3.65
N5 72C C . 4.30 6.18 3.31
N 72C C . 6.11 5.28 4.53
C 72C C . 6.95 5.06 3.36
C18 72C C . 2.42 5.79 -1.93
O4 72C C . 1.96 6.20 -3.22
O1 72C C . 3.47 7.72 -1.06
#